data_6XS5
#
_entry.id   6XS5
#
_cell.length_a   114.390
_cell.length_b   43.770
_cell.length_c   43.140
_cell.angle_alpha   90.000
_cell.angle_beta   100.530
_cell.angle_gamma   90.000
#
_symmetry.space_group_name_H-M   'C 1 2 1'
#
loop_
_entity.id
_entity.type
_entity.pdbx_description
1 polymer 'Vacuolar protein sorting-associated protein 29'
2 polymer 48V-DTY-ILE-ILE-ASP-THR-PRO-LEU-GLY-VAL-PHE-LEU-SER-SER-LEU-LYS-ARG
3 non-polymer GLYCEROL
4 non-polymer 'FORMIC ACID'
5 water water
#
loop_
_entity_poly.entity_id
_entity_poly.type
_entity_poly.pdbx_seq_one_letter_code
_entity_poly.pdbx_strand_id
1 'polypeptide(L)'
;GSPEFGTRDRMLVLVLGDLHIPHRCNSLPAKFKKLLVPGKIQHILCTGNLCTKESYDYLKTLAGDVHIVRGDFDENLNYP
EQKVVTVGQFKIGLIHGHQVIPWGDMASLALLQRQFDVDILISGHTHKFEAFEHENKFYINPGSATGAYNALETNIIPSF
VLMDIQASTVVTYVYQLIGDDVKVERIEYKKP
;
A
2 'polypeptide(L)' (48V)(DTY)IIDTPLGVFLSSLKR B
#
# COMPACT_ATOMS: atom_id res chain seq x y z
N ASP A 9 -1.64 -14.32 15.19
CA ASP A 9 -1.23 -13.31 16.16
C ASP A 9 -0.44 -12.16 15.54
N ARG A 10 0.70 -12.49 14.96
CA ARG A 10 1.51 -11.50 14.28
C ARG A 10 1.45 -11.78 12.80
N MET A 11 1.09 -10.76 12.07
CA MET A 11 0.91 -10.85 10.62
C MET A 11 1.59 -9.66 9.95
N LEU A 12 2.45 -9.94 8.98
CA LEU A 12 2.99 -8.90 8.11
C LEU A 12 2.16 -8.84 6.84
N VAL A 13 1.65 -7.65 6.53
CA VAL A 13 0.79 -7.44 5.37
C VAL A 13 1.43 -6.40 4.49
N LEU A 14 1.70 -6.77 3.23
CA LEU A 14 2.26 -5.85 2.25
C LEU A 14 1.14 -5.10 1.55
N VAL A 15 1.29 -3.79 1.42
CA VAL A 15 0.31 -2.92 0.78
C VAL A 15 1.04 -2.12 -0.29
N LEU A 16 0.57 -2.22 -1.53
CA LEU A 16 1.24 -1.54 -2.62
C LEU A 16 0.26 -1.42 -3.78
N GLY A 17 0.63 -0.63 -4.79
CA GLY A 17 -0.16 -0.59 -6.00
C GLY A 17 0.36 0.49 -6.94
N ASP A 18 -0.41 0.73 -7.99
CA ASP A 18 -0.07 1.72 -9.03
C ASP A 18 1.35 1.50 -9.57
N LEU A 19 1.67 0.24 -9.87
CA LEU A 19 2.95 -0.06 -10.51
C LEU A 19 2.99 0.44 -11.94
N HIS A 20 1.91 0.22 -12.68
CA HIS A 20 1.77 0.70 -14.07
C HIS A 20 2.82 0.06 -14.98
N ILE A 21 3.07 -1.22 -14.77
CA ILE A 21 3.97 -2.00 -15.62
C ILE A 21 3.13 -2.70 -16.70
N PRO A 22 3.53 -2.58 -17.99
CA PRO A 22 4.73 -1.94 -18.53
C PRO A 22 4.55 -0.58 -19.20
N HIS A 23 3.37 0.05 -19.10
CA HIS A 23 3.14 1.28 -19.86
C HIS A 23 4.01 2.42 -19.34
N ARG A 24 4.00 2.66 -18.03
CA ARG A 24 4.74 3.77 -17.45
C ARG A 24 6.06 3.35 -16.81
N CYS A 25 6.17 2.13 -16.32
CA CYS A 25 7.39 1.64 -15.72
C CYS A 25 7.57 0.18 -16.11
N ASN A 26 8.80 -0.31 -16.02
CA ASN A 26 9.07 -1.69 -16.37
C ASN A 26 9.37 -2.59 -15.19
N SER A 27 9.74 -2.04 -14.04
CA SER A 27 10.09 -2.87 -12.89
CA SER A 27 10.07 -2.88 -12.89
C SER A 27 9.96 -2.06 -11.62
N LEU A 28 9.91 -2.77 -10.49
CA LEU A 28 10.08 -2.10 -9.22
C LEU A 28 11.54 -1.70 -9.04
N PRO A 29 11.81 -0.62 -8.30
CA PRO A 29 13.19 -0.27 -8.00
C PRO A 29 13.95 -1.47 -7.49
N ALA A 30 15.17 -1.63 -8.01
CA ALA A 30 16.00 -2.76 -7.61
C ALA A 30 16.22 -2.81 -6.10
N LYS A 31 16.33 -1.65 -5.44
CA LYS A 31 16.49 -1.67 -3.99
C LYS A 31 15.23 -2.18 -3.30
N PHE A 32 14.05 -1.91 -3.85
CA PHE A 32 12.83 -2.51 -3.31
C PHE A 32 12.81 -4.01 -3.56
N LYS A 33 13.14 -4.43 -4.79
CA LYS A 33 13.13 -5.85 -5.10
C LYS A 33 14.06 -6.63 -4.17
N LYS A 34 15.18 -6.02 -3.76
CA LYS A 34 16.08 -6.69 -2.82
C LYS A 34 15.46 -6.87 -1.45
N LEU A 35 14.54 -5.99 -1.05
CA LEU A 35 13.87 -6.13 0.23
C LEU A 35 12.66 -7.04 0.18
N LEU A 36 11.96 -7.10 -0.95
CA LEU A 36 10.76 -7.92 -1.07
C LEU A 36 11.18 -9.35 -1.41
N VAL A 37 11.15 -10.24 -0.41
CA VAL A 37 11.56 -11.63 -0.59
C VAL A 37 10.49 -12.55 -0.02
N PRO A 38 10.38 -13.78 -0.52
CA PRO A 38 9.38 -14.72 0.00
C PRO A 38 9.70 -15.12 1.43
N GLY A 39 8.69 -15.69 2.10
CA GLY A 39 8.87 -16.27 3.40
C GLY A 39 8.53 -15.36 4.57
N LYS A 40 8.33 -14.06 4.33
CA LYS A 40 8.01 -13.11 5.39
C LYS A 40 6.56 -12.67 5.40
N ILE A 41 6.02 -12.29 4.25
CA ILE A 41 4.74 -11.60 4.18
C ILE A 41 3.62 -12.62 4.16
N GLN A 42 2.61 -12.43 5.01
CA GLN A 42 1.47 -13.33 5.09
C GLN A 42 0.38 -12.99 4.07
N HIS A 43 0.10 -11.71 3.85
CA HIS A 43 -0.95 -11.30 2.90
C HIS A 43 -0.49 -10.08 2.12
N ILE A 44 -1.03 -9.93 0.91
CA ILE A 44 -0.73 -8.77 0.08
C ILE A 44 -2.04 -8.12 -0.30
N LEU A 45 -2.16 -6.83 0.03
CA LEU A 45 -3.30 -6.02 -0.38
C LEU A 45 -2.80 -5.05 -1.45
N CYS A 46 -3.36 -5.13 -2.64
CA CYS A 46 -2.90 -4.34 -3.78
C CYS A 46 -4.01 -3.41 -4.24
N THR A 47 -3.69 -2.12 -4.38
CA THR A 47 -4.69 -1.14 -4.80
C THR A 47 -5.00 -1.20 -6.28
N GLY A 48 -4.28 -2.01 -7.06
CA GLY A 48 -4.54 -2.13 -8.48
C GLY A 48 -3.55 -1.37 -9.34
N ASN A 49 -3.85 -1.36 -10.65
CA ASN A 49 -2.96 -0.82 -11.70
C ASN A 49 -1.61 -1.53 -11.68
N LEU A 50 -1.66 -2.83 -11.91
CA LEU A 50 -0.47 -3.67 -11.96
C LEU A 50 0.49 -3.37 -13.12
N CYS A 51 0.08 -3.41 -14.40
CA CYS A 51 -1.30 -3.61 -14.89
C CYS A 51 -1.55 -4.95 -15.54
N THR A 52 -0.56 -5.84 -15.57
CA THR A 52 -0.70 -7.12 -16.24
C THR A 52 -0.49 -8.27 -15.27
N LYS A 53 -0.79 -9.48 -15.73
CA LYS A 53 -0.69 -10.64 -14.86
C LYS A 53 0.76 -10.95 -14.50
N GLU A 54 1.72 -10.51 -15.31
CA GLU A 54 3.13 -10.66 -14.97
C GLU A 54 3.45 -10.06 -13.60
N SER A 55 2.90 -8.88 -13.30
CA SER A 55 3.10 -8.31 -11.96
C SER A 55 2.24 -9.02 -10.92
N TYR A 56 1.06 -9.52 -11.31
CA TYR A 56 0.33 -10.40 -10.41
C TYR A 56 1.16 -11.64 -10.08
N ASP A 57 1.75 -12.26 -11.10
CA ASP A 57 2.60 -13.42 -10.86
C ASP A 57 3.76 -13.08 -9.92
N TYR A 58 4.35 -11.89 -10.06
CA TYR A 58 5.43 -11.48 -9.15
C TYR A 58 4.95 -11.44 -7.70
N LEU A 59 3.78 -10.84 -7.46
CA LEU A 59 3.29 -10.73 -6.09
C LEU A 59 3.07 -12.11 -5.48
N LYS A 60 2.55 -13.06 -6.27
CA LYS A 60 2.31 -14.40 -5.75
C LYS A 60 3.60 -15.13 -5.38
N THR A 61 4.76 -14.72 -5.91
CA THR A 61 6.00 -15.27 -5.39
C THR A 61 6.29 -14.76 -3.98
N LEU A 62 5.76 -13.59 -3.62
CA LEU A 62 6.08 -13.02 -2.32
C LEU A 62 5.22 -13.60 -1.21
N ALA A 63 3.98 -13.98 -1.51
CA ALA A 63 3.06 -14.46 -0.48
C ALA A 63 2.04 -15.38 -1.12
N GLY A 64 1.47 -16.26 -0.30
CA GLY A 64 0.46 -17.15 -0.80
C GLY A 64 -0.94 -16.60 -0.85
N ASP A 65 -1.11 -15.32 -0.48
CA ASP A 65 -2.45 -14.73 -0.34
C ASP A 65 -2.36 -13.31 -0.90
N VAL A 66 -2.88 -13.11 -2.11
CA VAL A 66 -2.83 -11.81 -2.78
C VAL A 66 -4.26 -11.34 -2.97
N HIS A 67 -4.54 -10.09 -2.60
CA HIS A 67 -5.85 -9.49 -2.78
C HIS A 67 -5.70 -8.22 -3.60
N ILE A 68 -6.46 -8.12 -4.68
CA ILE A 68 -6.29 -6.97 -5.56
C ILE A 68 -7.66 -6.44 -5.96
N VAL A 69 -7.74 -5.11 -6.09
CA VAL A 69 -8.92 -4.44 -6.59
C VAL A 69 -8.55 -3.82 -7.93
N ARG A 70 -9.57 -3.48 -8.72
CA ARG A 70 -9.37 -3.10 -10.12
CA ARG A 70 -9.36 -3.10 -10.12
C ARG A 70 -8.99 -1.63 -10.24
N GLY A 71 -7.80 -1.37 -10.79
CA GLY A 71 -7.43 -0.02 -11.13
C GLY A 71 -7.96 0.35 -12.51
N ASP A 72 -7.96 1.65 -12.78
CA ASP A 72 -8.54 2.10 -14.05
C ASP A 72 -7.68 1.72 -15.26
N PHE A 73 -6.52 1.09 -15.06
CA PHE A 73 -5.69 0.62 -16.18
C PHE A 73 -5.33 -0.85 -16.08
N ASP A 74 -5.92 -1.60 -15.15
CA ASP A 74 -5.62 -3.01 -15.08
C ASP A 74 -6.15 -3.70 -16.33
N GLU A 75 -5.42 -4.71 -16.80
CA GLU A 75 -5.91 -5.51 -17.91
C GLU A 75 -6.98 -6.50 -17.47
N ASN A 76 -6.96 -6.95 -16.21
CA ASN A 76 -7.91 -7.97 -15.76
C ASN A 76 -9.19 -7.26 -15.30
N LEU A 77 -10.25 -7.43 -16.08
CA LEU A 77 -11.52 -6.79 -15.79
C LEU A 77 -12.36 -7.59 -14.81
N ASN A 78 -11.90 -8.77 -14.42
CA ASN A 78 -12.58 -9.54 -13.39
C ASN A 78 -12.24 -9.09 -11.97
N TYR A 79 -11.20 -8.29 -11.77
CA TYR A 79 -10.87 -7.80 -10.43
C TYR A 79 -12.06 -7.04 -9.85
N PRO A 80 -12.39 -7.25 -8.58
CA PRO A 80 -13.49 -6.49 -7.97
C PRO A 80 -13.15 -5.01 -7.86
N GLU A 81 -14.19 -4.18 -7.88
CA GLU A 81 -13.96 -2.75 -7.73
C GLU A 81 -13.51 -2.40 -6.30
N GLN A 82 -13.97 -3.15 -5.31
CA GLN A 82 -13.61 -2.89 -3.93
C GLN A 82 -13.56 -4.22 -3.19
N LYS A 83 -12.94 -4.21 -2.02
CA LYS A 83 -12.75 -5.42 -1.24
C LYS A 83 -12.72 -5.04 0.23
N VAL A 84 -13.34 -5.87 1.06
CA VAL A 84 -13.21 -5.76 2.50
C VAL A 84 -12.62 -7.07 3.00
N VAL A 85 -11.67 -6.98 3.91
CA VAL A 85 -11.02 -8.16 4.43
C VAL A 85 -10.89 -8.02 5.93
N THR A 86 -10.95 -9.15 6.63
CA THR A 86 -10.76 -9.22 8.08
C THR A 86 -9.46 -9.97 8.33
N VAL A 87 -8.51 -9.31 8.99
CA VAL A 87 -7.23 -9.90 9.36
C VAL A 87 -7.04 -9.68 10.85
N GLY A 88 -7.01 -10.75 11.62
CA GLY A 88 -6.95 -10.64 13.06
C GLY A 88 -8.13 -9.84 13.58
N GLN A 89 -7.84 -8.80 14.35
CA GLN A 89 -8.84 -7.94 14.95
C GLN A 89 -9.29 -6.80 14.04
N PHE A 90 -8.75 -6.69 12.83
CA PHE A 90 -8.98 -5.51 12.00
C PHE A 90 -9.82 -5.85 10.77
N LYS A 91 -10.78 -4.99 10.48
CA LYS A 91 -11.47 -4.99 9.19
C LYS A 91 -10.83 -3.94 8.30
N ILE A 92 -10.44 -4.34 7.10
CA ILE A 92 -9.65 -3.51 6.18
C ILE A 92 -10.38 -3.39 4.85
N GLY A 93 -10.61 -2.16 4.42
CA GLY A 93 -11.20 -1.89 3.12
C GLY A 93 -10.17 -1.51 2.08
N LEU A 94 -10.45 -1.82 0.82
CA LEU A 94 -9.49 -1.64 -0.27
C LEU A 94 -10.22 -1.19 -1.52
N ILE A 95 -9.75 -0.10 -2.13
CA ILE A 95 -10.35 0.44 -3.35
C ILE A 95 -9.24 1.18 -4.09
N HIS A 96 -9.29 1.18 -5.42
CA HIS A 96 -8.19 1.84 -6.12
C HIS A 96 -8.22 3.35 -5.94
N GLY A 97 -9.40 3.95 -5.94
CA GLY A 97 -9.53 5.37 -5.62
C GLY A 97 -9.86 6.26 -6.79
N HIS A 98 -9.67 5.79 -8.03
CA HIS A 98 -10.06 6.63 -9.16
C HIS A 98 -11.56 6.90 -9.18
N GLN A 99 -12.32 6.32 -8.24
CA GLN A 99 -13.73 6.62 -8.07
C GLN A 99 -13.99 7.70 -7.03
N VAL A 100 -12.98 8.11 -6.28
CA VAL A 100 -13.14 9.09 -5.20
C VAL A 100 -13.00 10.48 -5.79
N ILE A 101 -14.13 11.17 -5.92
CA ILE A 101 -14.22 12.52 -6.47
C ILE A 101 -14.52 13.48 -5.32
N PRO A 102 -13.69 14.50 -5.07
CA PRO A 102 -13.87 15.38 -3.91
C PRO A 102 -15.15 16.21 -3.97
N GLY A 104 -8.54 11.83 -3.41
CA GLY A 104 -8.57 11.50 -1.99
C GLY A 104 -9.12 12.61 -1.10
N ASP A 105 -10.45 12.68 -0.96
CA ASP A 105 -11.13 13.70 -0.17
C ASP A 105 -11.71 13.13 1.12
N MET A 106 -11.51 13.86 2.22
CA MET A 106 -11.65 13.27 3.54
C MET A 106 -13.12 13.02 3.92
N ALA A 107 -14.01 13.92 3.52
CA ALA A 107 -15.42 13.66 3.79
C ALA A 107 -15.88 12.42 3.05
N SER A 108 -15.33 12.19 1.84
CA SER A 108 -15.62 10.99 1.07
C SER A 108 -15.02 9.76 1.71
N LEU A 109 -13.80 9.88 2.27
CA LEU A 109 -13.15 8.72 2.86
C LEU A 109 -13.89 8.25 4.11
N ALA A 110 -14.31 9.19 4.96
CA ALA A 110 -15.07 8.82 6.14
C ALA A 110 -16.39 8.14 5.76
N LEU A 111 -17.02 8.62 4.69
CA LEU A 111 -18.21 7.96 4.17
C LEU A 111 -17.90 6.54 3.73
N LEU A 112 -16.87 6.38 2.89
CA LEU A 112 -16.44 5.04 2.49
C LEU A 112 -16.13 4.17 3.71
N GLN A 113 -15.47 4.72 4.73
CA GLN A 113 -15.17 3.96 5.93
C GLN A 113 -16.44 3.39 6.56
N ARG A 114 -17.50 4.19 6.62
CA ARG A 114 -18.77 3.72 7.17
C ARG A 114 -19.47 2.75 6.23
N GLN A 115 -19.42 3.00 4.92
CA GLN A 115 -20.06 2.09 3.97
C GLN A 115 -19.40 0.71 3.99
N PHE A 116 -18.06 0.66 4.02
CA PHE A 116 -17.37 -0.62 4.13
C PHE A 116 -17.40 -1.17 5.55
N ASP A 117 -17.64 -0.31 6.54
CA ASP A 117 -17.56 -0.66 7.95
C ASP A 117 -16.18 -1.26 8.31
N VAL A 118 -15.13 -0.47 8.09
CA VAL A 118 -13.77 -0.96 8.29
C VAL A 118 -13.02 -0.10 9.31
N ASP A 119 -12.02 -0.71 9.94
CA ASP A 119 -11.10 0.03 10.80
C ASP A 119 -10.05 0.77 9.99
N ILE A 120 -9.64 0.20 8.86
CA ILE A 120 -8.56 0.71 8.02
C ILE A 120 -9.08 0.79 6.60
N LEU A 121 -8.88 1.92 5.95
CA LEU A 121 -9.25 2.11 4.55
C LEU A 121 -7.99 2.39 3.75
N ILE A 122 -7.74 1.54 2.75
CA ILE A 122 -6.58 1.67 1.86
C ILE A 122 -7.09 2.09 0.49
N SER A 123 -6.45 3.11 -0.10
CA SER A 123 -6.77 3.47 -1.48
C SER A 123 -5.53 4.00 -2.17
N GLY A 124 -5.61 4.13 -3.50
CA GLY A 124 -4.45 4.62 -4.22
C GLY A 124 -4.77 5.71 -5.21
N HIS A 125 -4.29 5.55 -6.45
CA HIS A 125 -4.63 6.36 -7.62
C HIS A 125 -4.08 7.78 -7.65
N THR A 126 -3.48 8.25 -6.56
CA THR A 126 -2.98 9.62 -6.52
C THR A 126 -1.45 9.49 -6.67
N HIS A 127 -0.90 8.32 -6.41
CA HIS A 127 0.55 8.08 -6.37
C HIS A 127 1.26 8.93 -5.33
N LYS A 128 0.55 9.39 -4.30
CA LYS A 128 1.18 10.16 -3.22
C LYS A 128 0.94 9.41 -1.91
N PHE A 129 2.01 8.97 -1.29
CA PHE A 129 1.85 8.31 0.00
C PHE A 129 1.20 9.25 0.99
N GLU A 130 0.18 8.77 1.68
CA GLU A 130 -0.46 9.52 2.74
C GLU A 130 -0.96 8.52 3.76
N ALA A 131 -0.97 8.93 5.02
CA ALA A 131 -1.59 8.11 6.06
C ALA A 131 -2.01 9.03 7.19
N PHE A 132 -3.27 8.89 7.64
CA PHE A 132 -3.74 9.67 8.78
C PHE A 132 -4.78 8.88 9.54
N GLU A 133 -5.01 9.32 10.77
CA GLU A 133 -5.95 8.68 11.68
C GLU A 133 -6.99 9.71 12.03
N HIS A 134 -8.25 9.30 12.01
CA HIS A 134 -9.34 10.16 12.44
C HIS A 134 -10.36 9.32 13.19
N GLU A 135 -10.68 9.74 14.41
CA GLU A 135 -11.72 9.10 15.22
C GLU A 135 -11.48 7.59 15.33
N ASN A 136 -10.20 7.23 15.51
CA ASN A 136 -9.79 5.84 15.70
C ASN A 136 -10.02 4.98 14.47
N LYS A 137 -10.04 5.59 13.28
CA LYS A 137 -9.95 4.87 12.02
C LYS A 137 -8.69 5.33 11.29
N PHE A 138 -8.11 4.43 10.51
CA PHE A 138 -6.82 4.64 9.86
C PHE A 138 -7.00 4.63 8.34
N TYR A 139 -6.45 5.63 7.66
CA TYR A 139 -6.57 5.77 6.21
C TYR A 139 -5.18 5.75 5.61
N ILE A 140 -4.93 4.81 4.71
CA ILE A 140 -3.60 4.60 4.11
C ILE A 140 -3.67 4.75 2.60
N ASN A 141 -2.70 5.45 2.01
CA ASN A 141 -2.46 5.39 0.57
C ASN A 141 -0.99 5.03 0.39
N PRO A 142 -0.66 3.88 -0.18
CA PRO A 142 0.76 3.49 -0.27
C PRO A 142 1.57 4.22 -1.31
N GLY A 143 0.97 5.11 -2.10
CA GLY A 143 1.70 5.66 -3.24
C GLY A 143 1.87 4.63 -4.35
N SER A 144 2.80 4.92 -5.26
CA SER A 144 3.13 4.03 -6.36
C SER A 144 4.43 3.30 -6.02
N ALA A 145 4.39 1.96 -6.07
CA ALA A 145 5.59 1.21 -5.72
C ALA A 145 6.69 1.35 -6.76
N THR A 146 6.37 1.78 -7.97
CA THR A 146 7.36 2.03 -9.00
C THR A 146 7.73 3.50 -9.12
N GLY A 147 7.05 4.38 -8.40
CA GLY A 147 7.25 5.79 -8.64
C GLY A 147 6.71 6.22 -9.99
N ALA A 148 5.60 5.63 -10.42
CA ALA A 148 5.08 5.87 -11.75
C ALA A 148 4.52 7.28 -11.87
N TYR A 149 4.70 7.87 -13.04
CA TYR A 149 4.18 9.21 -13.28
C TYR A 149 2.65 9.21 -13.25
N ASN A 150 2.09 10.36 -12.89
CA ASN A 150 0.65 10.54 -12.92
C ASN A 150 0.36 11.82 -13.71
N ALA A 151 -0.88 12.28 -13.69
CA ALA A 151 -1.20 13.57 -14.30
C ALA A 151 -0.74 14.70 -13.37
N LEU A 152 -0.11 15.72 -13.94
CA LEU A 152 0.32 16.92 -13.21
C LEU A 152 1.20 16.73 -11.98
N GLU A 153 1.83 15.56 -11.88
CA GLU A 153 2.74 15.23 -10.78
C GLU A 153 3.68 16.31 -10.26
N THR A 154 4.06 16.01 -9.04
CA THR A 154 5.00 16.72 -8.24
C THR A 154 6.08 15.70 -7.89
N ASN A 155 6.88 15.31 -8.86
CA ASN A 155 8.09 14.54 -8.55
C ASN A 155 7.93 13.02 -8.56
N ILE A 156 6.99 12.50 -7.74
CA ILE A 156 6.64 11.10 -7.50
C ILE A 156 7.54 9.94 -7.03
N ILE A 157 7.82 9.95 -5.73
CA ILE A 157 8.70 8.98 -5.07
C ILE A 157 8.14 7.54 -5.00
N PRO A 158 8.92 6.54 -5.42
CA PRO A 158 8.44 5.15 -5.24
C PRO A 158 8.20 4.86 -3.76
N SER A 159 7.11 4.15 -3.48
CA SER A 159 6.81 3.82 -2.09
C SER A 159 5.89 2.61 -1.99
N PHE A 160 6.03 1.88 -0.90
CA PHE A 160 5.08 0.84 -0.52
C PHE A 160 5.01 0.76 1.00
N VAL A 161 4.08 -0.04 1.50
CA VAL A 161 3.74 -0.09 2.91
C VAL A 161 3.80 -1.52 3.41
N LEU A 162 4.32 -1.69 4.62
CA LEU A 162 4.27 -2.97 5.33
C LEU A 162 3.54 -2.76 6.65
N MET A 163 2.49 -3.57 6.89
CA MET A 163 1.74 -3.48 8.14
C MET A 163 2.13 -4.64 9.04
N ASP A 164 2.46 -4.32 10.29
CA ASP A 164 2.76 -5.32 11.30
C ASP A 164 1.58 -5.34 12.26
N ILE A 165 0.71 -6.35 12.12
CA ILE A 165 -0.55 -6.42 12.81
C ILE A 165 -0.42 -7.41 13.97
N GLN A 166 -0.64 -6.92 15.20
CA GLN A 166 -0.65 -7.81 16.37
C GLN A 166 -1.75 -7.34 17.31
N ALA A 167 -2.66 -8.25 17.66
CA ALA A 167 -3.78 -7.91 18.54
C ALA A 167 -4.50 -6.67 18.01
N SER A 168 -4.60 -5.63 18.82
CA SER A 168 -5.31 -4.42 18.38
C SER A 168 -4.35 -3.26 18.05
N THR A 169 -3.14 -3.58 17.62
CA THR A 169 -2.19 -2.56 17.21
C THR A 169 -1.68 -2.86 15.80
N VAL A 170 -1.62 -1.85 14.94
CA VAL A 170 -0.92 -1.96 13.68
C VAL A 170 0.27 -1.02 13.69
N VAL A 171 1.45 -1.54 13.43
CA VAL A 171 2.64 -0.74 13.20
C VAL A 171 2.92 -0.77 11.70
N THR A 172 2.82 0.40 11.07
CA THR A 172 2.98 0.52 9.63
C THR A 172 4.36 1.08 9.32
N TYR A 173 5.08 0.43 8.41
CA TYR A 173 6.37 0.92 7.93
C TYR A 173 6.22 1.33 6.48
N VAL A 174 6.53 2.59 6.19
CA VAL A 174 6.36 3.16 4.86
C VAL A 174 7.73 3.27 4.23
N TYR A 175 8.01 2.44 3.23
CA TYR A 175 9.29 2.42 2.54
C TYR A 175 9.26 3.34 1.34
N GLN A 176 10.25 4.21 1.24
CA GLN A 176 10.33 5.17 0.16
C GLN A 176 11.74 5.21 -0.41
N LEU A 177 11.85 5.30 -1.73
CA LEU A 177 13.15 5.46 -2.38
C LEU A 177 13.41 6.94 -2.57
N ILE A 178 14.26 7.50 -1.71
CA ILE A 178 14.55 8.93 -1.68
C ILE A 178 16.03 9.10 -1.95
N GLY A 179 16.36 9.74 -3.08
CA GLY A 179 17.73 9.76 -3.54
C GLY A 179 18.19 8.36 -3.88
N ASP A 180 19.27 7.94 -3.23
CA ASP A 180 19.84 6.62 -3.51
C ASP A 180 19.49 5.61 -2.40
N ASP A 181 18.64 6.02 -1.45
CA ASP A 181 18.44 5.23 -0.25
C ASP A 181 16.98 4.86 -0.11
N VAL A 182 16.74 3.67 0.45
CA VAL A 182 15.44 3.33 0.99
C VAL A 182 15.35 3.97 2.37
N LYS A 183 14.33 4.81 2.56
CA LYS A 183 14.08 5.48 3.83
C LYS A 183 12.70 5.08 4.32
N VAL A 184 12.52 5.05 5.65
CA VAL A 184 11.30 4.50 6.26
C VAL A 184 10.72 5.48 7.28
N GLU A 185 9.39 5.50 7.35
CA GLU A 185 8.68 6.14 8.45
CA GLU A 185 8.67 6.14 8.44
C GLU A 185 7.83 5.09 9.13
N ARG A 186 7.81 5.13 10.45
CA ARG A 186 7.06 4.16 11.26
C ARG A 186 5.84 4.84 11.88
N ILE A 187 4.67 4.22 11.73
CA ILE A 187 3.40 4.76 12.21
C ILE A 187 2.76 3.75 13.15
N GLU A 188 2.19 4.22 14.26
CA GLU A 188 1.40 3.37 15.14
C GLU A 188 -0.08 3.69 15.01
N TYR A 189 -0.91 2.65 14.96
CA TYR A 189 -2.36 2.81 14.97
C TYR A 189 -2.91 1.79 15.94
N LYS A 190 -3.60 2.26 16.96
CA LYS A 190 -4.25 1.40 17.94
C LYS A 190 -5.76 1.62 17.91
N LYS A 191 -6.51 0.52 17.98
CA LYS A 191 -7.94 0.76 18.04
C LYS A 191 -8.48 0.34 19.40
N PRO A 192 -9.52 1.03 19.92
CA PRO A 192 -10.11 0.79 21.24
C PRO A 192 -10.47 -0.68 21.50
N ILE B 3 18.03 6.48 12.31
CA ILE B 3 17.80 5.17 11.71
C ILE B 3 16.73 4.48 12.51
N ILE B 4 16.02 3.58 11.83
CA ILE B 4 14.85 2.89 12.33
C ILE B 4 14.99 1.40 12.01
N ASP B 5 14.76 0.56 13.01
CA ASP B 5 14.68 -0.88 12.79
CA ASP B 5 14.67 -0.88 12.81
C ASP B 5 13.28 -1.24 12.27
N THR B 6 13.24 -2.13 11.27
CA THR B 6 11.97 -2.52 10.63
C THR B 6 11.95 -4.03 10.40
N PRO B 7 10.80 -4.62 10.06
CA PRO B 7 10.80 -6.07 9.77
C PRO B 7 11.66 -6.45 8.58
N LEU B 8 11.98 -5.50 7.69
CA LEU B 8 12.79 -5.79 6.52
C LEU B 8 14.23 -5.28 6.65
N GLY B 9 14.63 -4.85 7.84
CA GLY B 9 16.00 -4.39 8.06
C GLY B 9 16.05 -2.98 8.67
N VAL B 10 17.29 -2.51 8.86
CA VAL B 10 17.55 -1.17 9.38
C VAL B 10 17.67 -0.18 8.25
N PHE B 11 16.97 0.96 8.36
CA PHE B 11 17.04 1.99 7.33
C PHE B 11 17.08 3.38 7.96
N LEU B 12 17.54 4.34 7.17
CA LEU B 12 17.39 5.74 7.50
C LEU B 12 15.92 6.11 7.65
N SER B 13 15.65 7.02 8.58
CA SER B 13 14.32 7.58 8.69
C SER B 13 14.05 8.56 7.56
N SER B 14 12.83 8.50 7.01
CA SER B 14 12.45 9.42 5.93
C SER B 14 11.95 10.76 6.45
N LEU B 15 11.85 10.94 7.75
CA LEU B 15 11.33 12.19 8.31
C LEU B 15 12.25 13.35 7.93
N LYS B 16 11.62 14.48 7.59
CA LYS B 16 12.37 15.65 7.16
C LYS B 16 13.25 16.20 8.27
N ARG B 17 12.81 16.12 9.53
CA ARG B 17 13.59 16.64 10.66
C ARG B 17 14.93 15.93 10.76
#